data_5CZ1
#
_entry.id   5CZ1
#
_cell.length_a   51.886
_cell.length_b   53.707
_cell.length_c   69.647
_cell.angle_alpha   69.69
_cell.angle_beta   82.08
_cell.angle_gamma   63.97
#
_symmetry.space_group_name_H-M   'P 1'
#
loop_
_entity.id
_entity.type
_entity.pdbx_description
1 polymer integrase
2 water water
#
_entity_poly.entity_id   1
_entity_poly.type   'polypeptide(L)'
_entity_poly.pdbx_seq_one_letter_code
;MVNPRGLKPRVLWQMDVTHVSEFGKLKYVHVTVDTYSHFTFATARTGEATKDVLQHLAQSFAYMGIPQKIKTDNAPAYVS
RSIQEFLARWKISHVTGIPYNPQGQAIVERTHQNIKAQLNKLQKAGKYYTPHHLLAHALFVLNHVNMDNQGHTAAERHWG
PISLEVLFQ
;
_entity_poly.pdbx_strand_id   A,B,C,D
#
# COMPACT_ATOMS: atom_id res chain seq x y z
N ARG A 5 20.37 4.08 -12.12
CA ARG A 5 20.96 5.21 -11.43
C ARG A 5 20.94 4.94 -9.93
N GLY A 6 20.02 4.09 -9.53
CA GLY A 6 19.91 3.69 -8.15
C GLY A 6 21.00 2.77 -7.68
N LEU A 7 21.98 2.49 -8.56
CA LEU A 7 23.13 1.68 -8.15
C LEU A 7 24.24 2.53 -7.56
N LYS A 8 24.01 3.83 -7.46
CA LYS A 8 25.01 4.74 -6.92
C LYS A 8 24.42 5.59 -5.81
N PRO A 9 25.27 6.06 -4.88
CA PRO A 9 24.74 6.96 -3.85
C PRO A 9 24.18 8.22 -4.48
N ARG A 10 23.17 8.83 -3.85
CA ARG A 10 22.69 10.13 -4.29
C ARG A 10 23.62 11.15 -3.68
N VAL A 11 23.52 12.40 -4.11
CA VAL A 11 24.45 13.42 -3.64
C VAL A 11 23.84 14.23 -2.49
N LEU A 12 22.92 15.12 -2.82
CA LEU A 12 22.31 15.97 -1.82
C LEU A 12 20.81 15.88 -1.84
N TRP A 13 20.20 15.72 -0.65
CA TRP A 13 18.77 15.82 -0.46
C TRP A 13 18.46 17.02 0.42
N GLN A 14 17.33 17.65 0.17
CA GLN A 14 16.76 18.56 1.15
C GLN A 14 15.53 17.92 1.76
N MET A 15 15.33 18.12 3.05
CA MET A 15 14.12 17.60 3.70
CA MET A 15 14.15 17.60 3.72
C MET A 15 13.55 18.64 4.66
N ASP A 16 12.23 18.77 4.64
CA ASP A 16 11.56 19.75 5.50
C ASP A 16 10.11 19.36 5.66
N VAL A 17 9.49 19.83 6.74
CA VAL A 17 8.05 19.60 6.97
C VAL A 17 7.28 20.84 6.60
N THR A 18 6.20 20.67 5.83
CA THR A 18 5.25 21.77 5.58
C THR A 18 3.90 21.37 6.16
N HIS A 19 3.04 22.33 6.46
CA HIS A 19 1.71 22.01 7.01
C HIS A 19 0.61 22.13 5.95
N VAL A 20 -0.23 21.09 5.89
CA VAL A 20 -1.38 21.12 5.00
C VAL A 20 -2.64 21.07 5.88
N SER A 21 -3.23 22.24 6.14
CA SER A 21 -4.32 22.35 7.11
C SER A 21 -5.49 21.40 6.83
N GLU A 22 -5.74 21.14 5.54
CA GLU A 22 -6.85 20.30 5.11
C GLU A 22 -6.70 18.84 5.52
N PHE A 23 -5.49 18.46 5.94
CA PHE A 23 -5.22 17.08 6.34
C PHE A 23 -5.53 16.86 7.82
N GLY A 24 -5.94 17.91 8.51
CA GLY A 24 -6.31 17.79 9.92
C GLY A 24 -5.20 17.27 10.81
N LYS A 25 -5.46 16.15 11.49
CA LYS A 25 -4.45 15.57 12.37
C LYS A 25 -3.25 15.04 11.59
N LEU A 26 -3.34 15.00 10.26
CA LEU A 26 -2.22 14.53 9.43
C LEU A 26 -1.60 15.71 8.66
N LYS A 27 -1.68 16.91 9.23
CA LYS A 27 -1.25 18.11 8.53
C LYS A 27 0.26 18.18 8.34
N TYR A 28 1.00 17.34 9.07
CA TYR A 28 2.45 17.43 9.06
C TYR A 28 3.00 16.65 7.87
N VAL A 29 3.22 17.35 6.76
CA VAL A 29 3.67 16.70 5.54
C VAL A 29 5.19 16.81 5.46
N HIS A 30 5.84 15.68 5.67
CA HIS A 30 7.29 15.59 5.60
C HIS A 30 7.69 15.40 4.15
N VAL A 31 8.67 16.18 3.69
CA VAL A 31 9.03 16.20 2.28
C VAL A 31 10.52 15.97 2.10
N THR A 32 10.90 14.99 1.26
CA THR A 32 12.29 14.77 0.91
C THR A 32 12.42 15.00 -0.58
N VAL A 33 13.37 15.84 -0.99
CA VAL A 33 13.59 16.02 -2.40
C VAL A 33 15.06 15.86 -2.77
N ASP A 34 15.29 15.11 -3.85
CA ASP A 34 16.64 14.92 -4.37
C ASP A 34 17.00 16.15 -5.20
N THR A 35 18.10 16.82 -4.89
CA THR A 35 18.34 18.12 -5.54
C THR A 35 18.84 17.98 -6.98
N TYR A 36 19.28 16.77 -7.35
CA TYR A 36 19.63 16.55 -8.75
C TYR A 36 18.41 16.23 -9.63
N SER A 37 17.62 15.26 -9.20
CA SER A 37 16.54 14.76 -10.04
C SER A 37 15.23 15.50 -9.81
N HIS A 38 15.14 16.16 -8.64
CA HIS A 38 13.90 16.75 -8.14
C HIS A 38 12.80 15.71 -7.87
N PHE A 39 13.17 14.43 -7.83
CA PHE A 39 12.27 13.36 -7.37
C PHE A 39 11.95 13.58 -5.88
N THR A 40 10.68 13.39 -5.52
CA THR A 40 10.20 13.77 -4.19
C THR A 40 9.46 12.64 -3.51
N PHE A 41 9.76 12.46 -2.23
CA PHE A 41 8.98 11.55 -1.40
C PHE A 41 8.36 12.31 -0.27
N ALA A 42 7.05 12.18 -0.11
CA ALA A 42 6.38 12.90 0.95
C ALA A 42 5.45 11.99 1.70
N THR A 43 5.33 12.23 2.99
CA THR A 43 4.34 11.52 3.79
C THR A 43 3.56 12.48 4.68
N ALA A 44 2.28 12.14 4.90
CA ALA A 44 1.42 12.85 5.84
C ALA A 44 1.51 12.18 7.19
N ARG A 45 1.87 12.92 8.24
CA ARG A 45 2.17 12.31 9.53
C ARG A 45 1.44 13.02 10.65
N THR A 46 1.40 12.39 11.83
CA THR A 46 0.65 12.94 12.96
C THR A 46 1.50 13.89 13.79
N GLY A 47 2.76 14.07 13.41
CA GLY A 47 3.63 15.01 14.10
C GLY A 47 4.87 15.37 13.32
N GLU A 48 5.70 16.24 13.89
CA GLU A 48 6.93 16.72 13.27
C GLU A 48 8.09 16.72 14.26
N ALA A 49 7.99 15.87 15.27
CA ALA A 49 9.06 15.64 16.23
C ALA A 49 10.13 14.71 15.67
N THR A 50 11.24 14.56 16.39
CA THR A 50 12.34 13.74 15.93
C THR A 50 11.90 12.33 15.49
N LYS A 51 11.03 11.71 16.27
CA LYS A 51 10.53 10.37 15.94
C LYS A 51 9.85 10.34 14.59
N ASP A 52 9.06 11.36 14.28
CA ASP A 52 8.33 11.41 13.02
C ASP A 52 9.29 11.63 11.86
N VAL A 53 10.24 12.52 12.06
CA VAL A 53 11.26 12.79 11.06
C VAL A 53 12.08 11.54 10.72
N LEU A 54 12.46 10.76 11.74
CA LEU A 54 13.28 9.59 11.52
C LEU A 54 12.50 8.51 10.76
N GLN A 55 11.23 8.36 11.07
CA GLN A 55 10.41 7.41 10.31
C GLN A 55 10.36 7.83 8.87
N HIS A 56 10.14 9.12 8.64
CA HIS A 56 10.05 9.60 7.28
C HIS A 56 11.38 9.42 6.56
N LEU A 57 12.50 9.69 7.26
CA LEU A 57 13.81 9.52 6.62
C LEU A 57 14.03 8.06 6.22
N ALA A 58 13.69 7.14 7.13
CA ALA A 58 13.89 5.72 6.83
C ALA A 58 13.06 5.31 5.61
N GLN A 59 11.81 5.79 5.55
CA GLN A 59 10.96 5.47 4.41
C GLN A 59 11.51 6.12 3.15
N SER A 60 12.12 7.31 3.29
CA SER A 60 12.75 7.99 2.14
C SER A 60 13.84 7.14 1.53
N PHE A 61 14.64 6.46 2.36
CA PHE A 61 15.73 5.65 1.83
C PHE A 61 15.14 4.49 1.04
N ALA A 62 14.11 3.88 1.61
CA ALA A 62 13.43 2.79 0.91
C ALA A 62 12.90 3.22 -0.45
N TYR A 63 12.38 4.45 -0.52
CA TYR A 63 11.70 4.94 -1.72
C TYR A 63 12.64 5.54 -2.77
N MET A 64 13.77 6.09 -2.33
CA MET A 64 14.59 6.98 -3.17
C MET A 64 16.08 6.64 -3.24
N GLY A 65 16.58 5.85 -2.30
CA GLY A 65 18.01 5.58 -2.28
C GLY A 65 18.71 6.22 -1.09
N ILE A 66 20.02 6.45 -1.21
CA ILE A 66 20.78 6.93 -0.06
C ILE A 66 21.65 8.11 -0.47
N PRO A 67 21.45 9.28 0.17
CA PRO A 67 22.28 10.44 -0.16
C PRO A 67 23.59 10.48 0.60
N GLN A 68 24.54 11.24 0.10
CA GLN A 68 25.77 11.51 0.83
C GLN A 68 25.59 12.64 1.85
N LYS A 69 24.64 13.52 1.56
CA LYS A 69 24.41 14.73 2.36
C LYS A 69 22.92 15.04 2.45
N ILE A 70 22.43 15.44 3.63
CA ILE A 70 21.04 15.92 3.73
C ILE A 70 21.04 17.27 4.41
N LYS A 71 20.29 18.19 3.84
CA LYS A 71 20.13 19.52 4.40
C LYS A 71 18.73 19.72 4.97
N THR A 72 18.68 20.20 6.21
CA THR A 72 17.43 20.50 6.91
C THR A 72 17.51 21.84 7.60
N ASP A 73 16.38 22.29 8.13
CA ASP A 73 16.29 23.41 9.07
C ASP A 73 17.01 23.05 10.38
N ASN A 74 17.23 24.00 11.28
CA ASN A 74 17.88 23.63 12.54
C ASN A 74 16.90 23.62 13.73
N ALA A 75 15.62 23.45 13.44
CA ALA A 75 14.64 23.18 14.49
C ALA A 75 15.08 21.99 15.35
N PRO A 76 14.62 21.93 16.61
CA PRO A 76 15.03 20.88 17.56
C PRO A 76 14.87 19.46 17.04
N ALA A 77 13.82 19.24 16.25
CA ALA A 77 13.53 17.93 15.70
C ALA A 77 14.69 17.44 14.84
N TYR A 78 15.48 18.36 14.31
CA TYR A 78 16.53 18.03 13.34
C TYR A 78 17.95 18.05 13.94
N VAL A 79 18.11 18.55 15.15
CA VAL A 79 19.46 18.65 15.71
C VAL A 79 19.60 17.83 16.98
N SER A 80 18.68 16.91 17.20
CA SER A 80 18.74 16.05 18.37
C SER A 80 19.85 14.99 18.27
N ARG A 81 20.22 14.42 19.41
CA ARG A 81 21.18 13.33 19.43
C ARG A 81 20.66 12.16 18.59
N SER A 82 19.35 11.94 18.65
CA SER A 82 18.76 10.82 17.94
C SER A 82 18.97 10.94 16.43
N ILE A 83 18.92 12.17 15.92
CA ILE A 83 19.08 12.47 14.49
C ILE A 83 20.49 12.21 14.02
N GLN A 84 21.44 12.67 14.82
CA GLN A 84 22.85 12.54 14.50
C GLN A 84 23.19 11.07 14.46
N GLU A 85 22.76 10.34 15.49
CA GLU A 85 23.03 8.91 15.57
C GLU A 85 22.39 8.18 14.39
N PHE A 86 21.17 8.57 14.06
CA PHE A 86 20.43 7.95 12.96
C PHE A 86 21.17 8.11 11.62
N LEU A 87 21.49 9.34 11.24
CA LEU A 87 22.11 9.56 9.92
C LEU A 87 23.48 8.89 9.81
N ALA A 88 24.18 8.78 10.93
CA ALA A 88 25.49 8.15 10.93
C ALA A 88 25.40 6.69 10.52
N ARG A 89 24.25 6.06 10.74
CA ARG A 89 24.06 4.66 10.36
C ARG A 89 24.20 4.45 8.85
N TRP A 90 23.91 5.50 8.06
CA TRP A 90 24.09 5.48 6.61
C TRP A 90 25.27 6.35 6.14
N LYS A 91 26.07 6.80 7.10
CA LYS A 91 27.24 7.62 6.86
C LYS A 91 26.85 8.89 6.09
N ILE A 92 25.68 9.41 6.42
CA ILE A 92 25.15 10.64 5.80
C ILE A 92 25.63 11.89 6.54
N SER A 93 26.19 12.84 5.80
CA SER A 93 26.54 14.14 6.39
C SER A 93 25.30 15.00 6.56
N HIS A 94 25.08 15.48 7.78
CA HIS A 94 23.96 16.34 8.04
C HIS A 94 24.40 17.79 8.01
N VAL A 95 23.78 18.57 7.13
CA VAL A 95 24.09 19.99 7.08
C VAL A 95 22.85 20.76 7.50
N THR A 96 22.91 21.41 8.65
CA THR A 96 21.77 22.23 9.08
C THR A 96 21.95 23.56 8.39
N GLY A 97 23.15 23.74 7.87
CA GLY A 97 23.48 24.92 7.09
C GLY A 97 23.41 26.21 7.87
N ILE A 98 23.21 27.28 7.13
CA ILE A 98 23.42 28.59 7.67
C ILE A 98 22.14 29.42 7.58
N PRO A 99 21.95 30.34 8.53
CA PRO A 99 20.81 31.25 8.44
C PRO A 99 21.00 32.21 7.28
N TYR A 100 19.91 32.83 6.83
CA TYR A 100 19.97 33.82 5.75
C TYR A 100 20.47 33.18 4.46
N ASN A 101 20.13 31.90 4.27
CA ASN A 101 20.62 31.13 3.14
C ASN A 101 19.49 30.50 2.34
N PRO A 102 18.72 31.30 1.58
CA PRO A 102 17.56 30.76 0.86
C PRO A 102 17.91 29.65 -0.12
N GLN A 103 19.13 29.65 -0.65
CA GLN A 103 19.49 28.67 -1.66
C GLN A 103 19.79 27.30 -1.02
N GLY A 104 19.88 27.26 0.30
CA GLY A 104 20.01 26.01 1.01
C GLY A 104 18.70 25.25 1.22
N GLN A 105 17.60 25.81 0.75
CA GLN A 105 16.29 25.17 0.92
C GLN A 105 15.30 25.57 -0.18
N ALA A 106 15.80 26.23 -1.21
CA ALA A 106 14.93 26.73 -2.28
C ALA A 106 14.18 25.62 -3.01
N ILE A 107 14.87 24.50 -3.25
CA ILE A 107 14.26 23.39 -3.97
C ILE A 107 13.13 22.78 -3.13
N VAL A 108 13.35 22.54 -1.84
CA VAL A 108 12.31 21.91 -1.05
C VAL A 108 11.15 22.89 -0.88
N GLU A 109 11.45 24.18 -0.86
CA GLU A 109 10.39 25.20 -0.76
C GLU A 109 9.49 25.21 -1.98
N ARG A 110 10.09 25.14 -3.16
CA ARG A 110 9.32 25.03 -4.40
C ARG A 110 8.53 23.72 -4.41
N THR A 111 9.15 22.68 -3.88
CA THR A 111 8.48 21.39 -3.80
C THR A 111 7.23 21.45 -2.90
N HIS A 112 7.30 22.14 -1.77
CA HIS A 112 6.12 22.32 -0.90
C HIS A 112 5.01 22.96 -1.71
N GLN A 113 5.38 24.00 -2.45
CA GLN A 113 4.40 24.78 -3.21
C GLN A 113 3.78 23.92 -4.31
N ASN A 114 4.60 23.09 -4.95
CA ASN A 114 4.15 22.19 -6.00
C ASN A 114 3.16 21.17 -5.43
N ILE A 115 3.49 20.62 -4.26
CA ILE A 115 2.63 19.64 -3.63
C ILE A 115 1.29 20.27 -3.26
N LYS A 116 1.35 21.45 -2.68
CA LYS A 116 0.12 22.11 -2.24
C LYS A 116 -0.76 22.49 -3.44
N ALA A 117 -0.13 22.90 -4.54
CA ALA A 117 -0.86 23.19 -5.78
C ALA A 117 -1.57 21.95 -6.32
N GLN A 118 -0.92 20.79 -6.28
CA GLN A 118 -1.57 19.54 -6.66
C GLN A 118 -2.69 19.18 -5.67
N LEU A 119 -2.44 19.39 -4.38
CA LEU A 119 -3.45 19.03 -3.38
C LEU A 119 -4.67 19.93 -3.48
N ASN A 120 -4.47 21.16 -3.96
CA ASN A 120 -5.58 22.10 -4.09
C ASN A 120 -6.60 21.60 -5.12
N LYS A 121 -6.14 20.82 -6.08
CA LYS A 121 -7.04 20.20 -7.06
C LYS A 121 -7.82 19.02 -6.49
N LEU A 122 -7.50 18.60 -5.28
CA LEU A 122 -8.03 17.34 -4.77
C LEU A 122 -8.95 17.54 -3.57
N GLN A 123 -9.49 18.74 -3.45
CA GLN A 123 -10.30 19.00 -2.26
C GLN A 123 -11.64 18.26 -2.37
N LYS A 124 -12.16 18.11 -3.58
CA LYS A 124 -13.38 17.32 -3.75
C LYS A 124 -13.08 15.86 -3.44
N ALA A 125 -11.92 15.37 -3.88
CA ALA A 125 -11.52 13.99 -3.61
C ALA A 125 -11.32 13.76 -2.11
N GLY A 126 -10.99 14.83 -1.38
CA GLY A 126 -10.78 14.74 0.06
C GLY A 126 -12.01 14.34 0.85
N LYS A 127 -13.17 14.49 0.23
CA LYS A 127 -14.42 14.03 0.84
C LYS A 127 -14.48 12.52 0.99
N TYR A 128 -13.74 11.80 0.16
CA TYR A 128 -13.89 10.34 0.07
C TYR A 128 -12.60 9.58 0.34
N TYR A 129 -11.46 10.28 0.39
CA TYR A 129 -10.17 9.64 0.61
C TYR A 129 -9.39 10.26 1.76
N THR A 130 -8.48 9.49 2.35
CA THR A 130 -7.60 9.99 3.41
C THR A 130 -6.48 10.86 2.83
N PRO A 131 -5.86 11.69 3.66
CA PRO A 131 -4.65 12.42 3.23
C PRO A 131 -3.58 11.56 2.56
N HIS A 132 -3.37 10.33 3.04
CA HIS A 132 -2.34 9.46 2.46
C HIS A 132 -2.62 9.22 0.96
N HIS A 133 -3.86 8.93 0.59
CA HIS A 133 -4.20 8.72 -0.81
C HIS A 133 -4.07 9.99 -1.65
N LEU A 134 -4.43 11.14 -1.09
CA LEU A 134 -4.41 12.38 -1.85
C LEU A 134 -2.96 12.78 -2.12
N LEU A 135 -2.16 12.69 -1.08
CA LEU A 135 -0.72 13.00 -1.18
C LEU A 135 -0.04 12.08 -2.19
N ALA A 136 -0.40 10.79 -2.16
CA ALA A 136 0.18 9.83 -3.09
C ALA A 136 -0.20 10.18 -4.52
N HIS A 137 -1.45 10.60 -4.73
CA HIS A 137 -1.86 11.01 -6.06
C HIS A 137 -1.06 12.24 -6.51
N ALA A 138 -0.94 13.21 -5.62
CA ALA A 138 -0.22 14.45 -5.90
C ALA A 138 1.23 14.13 -6.26
N LEU A 139 1.85 13.25 -5.48
CA LEU A 139 3.23 12.90 -5.77
C LEU A 139 3.37 12.16 -7.09
N PHE A 140 2.44 11.27 -7.40
CA PHE A 140 2.48 10.55 -8.67
C PHE A 140 2.46 11.53 -9.85
N VAL A 141 1.60 12.55 -9.79
CA VAL A 141 1.60 13.56 -10.84
C VAL A 141 2.96 14.27 -10.92
N LEU A 142 3.48 14.66 -9.77
CA LEU A 142 4.72 15.43 -9.76
C LEU A 142 5.91 14.61 -10.23
N ASN A 143 5.94 13.33 -9.89
CA ASN A 143 7.10 12.50 -10.15
C ASN A 143 7.05 11.74 -11.47
N HIS A 144 5.84 11.39 -11.90
CA HIS A 144 5.65 10.43 -12.97
C HIS A 144 4.81 10.92 -14.16
N VAL A 145 4.20 12.10 -14.03
CA VAL A 145 3.38 12.61 -15.12
C VAL A 145 3.95 13.90 -15.69
N ASN A 146 4.23 14.88 -14.83
CA ASN A 146 4.90 16.11 -15.25
C ASN A 146 6.22 15.77 -15.91
N MET A 147 6.57 16.51 -16.95
CA MET A 147 7.82 16.31 -17.67
C MET A 147 8.60 17.62 -17.76
N ASP A 148 9.92 17.52 -17.84
CA ASP A 148 10.76 18.70 -18.01
C ASP A 148 10.86 19.03 -19.50
N ASN A 149 11.62 20.07 -19.83
CA ASN A 149 11.70 20.54 -21.20
C ASN A 149 12.33 19.51 -22.14
N GLN A 150 13.08 18.56 -21.57
CA GLN A 150 13.66 17.47 -22.34
C GLN A 150 12.72 16.27 -22.46
N GLY A 151 11.51 16.42 -21.93
CA GLY A 151 10.53 15.35 -22.01
C GLY A 151 10.68 14.24 -20.98
N HIS A 152 11.38 14.52 -19.90
CA HIS A 152 11.62 13.49 -18.89
C HIS A 152 10.88 13.78 -17.59
N THR A 153 10.38 12.74 -16.94
CA THR A 153 9.78 12.87 -15.61
C THR A 153 10.87 12.83 -14.56
N ALA A 154 10.54 13.24 -13.34
CA ALA A 154 11.53 13.22 -12.25
C ALA A 154 11.93 11.77 -11.95
N ALA A 155 10.98 10.85 -12.11
CA ALA A 155 11.28 9.43 -11.90
C ALA A 155 12.28 8.90 -12.92
N GLU A 156 12.12 9.28 -14.19
CA GLU A 156 13.12 8.91 -15.20
C GLU A 156 14.48 9.49 -14.86
N ARG A 157 14.50 10.74 -14.41
CA ARG A 157 15.76 11.38 -14.07
C ARG A 157 16.38 10.69 -12.85
N HIS A 158 15.54 10.27 -11.92
CA HIS A 158 16.03 9.62 -10.72
C HIS A 158 16.48 8.17 -10.92
N TRP A 159 15.70 7.40 -11.68
CA TRP A 159 15.85 5.94 -11.68
C TRP A 159 16.43 5.35 -12.96
N GLY A 160 16.27 6.06 -14.07
CA GLY A 160 16.52 5.45 -15.35
C GLY A 160 15.50 4.35 -15.60
N PRO A 161 15.95 3.21 -16.15
CA PRO A 161 15.01 2.17 -16.57
C PRO A 161 14.31 1.41 -15.43
N ILE A 162 14.94 1.35 -14.26
CA ILE A 162 14.48 0.44 -13.21
C ILE A 162 14.44 1.11 -11.84
N SER A 163 13.26 1.10 -11.20
CA SER A 163 13.15 1.62 -9.82
C SER A 163 13.63 0.58 -8.81
N LEU A 164 14.43 1.02 -7.85
CA LEU A 164 14.87 0.13 -6.79
C LEU A 164 14.20 0.44 -5.45
N GLU A 165 12.94 0.89 -5.50
CA GLU A 165 12.19 1.08 -4.27
C GLU A 165 12.14 -0.21 -3.44
N VAL A 166 12.36 -0.11 -2.13
CA VAL A 166 12.17 -1.26 -1.24
C VAL A 166 10.76 -1.21 -0.69
N GLY B 6 -30.22 5.95 -16.16
CA GLY B 6 -30.71 6.09 -14.80
C GLY B 6 -30.97 7.54 -14.46
N LEU B 7 -32.01 7.77 -13.64
CA LEU B 7 -32.40 9.13 -13.26
C LEU B 7 -31.77 9.51 -11.92
N LYS B 8 -31.20 8.52 -11.25
CA LYS B 8 -30.49 8.75 -10.00
C LYS B 8 -29.39 7.70 -9.93
N PRO B 9 -28.40 7.89 -9.04
CA PRO B 9 -27.32 6.89 -8.97
C PRO B 9 -27.83 5.49 -8.64
N ARG B 10 -27.07 4.48 -9.10
CA ARG B 10 -27.27 3.09 -8.73
C ARG B 10 -28.62 2.54 -9.17
N VAL B 11 -29.14 3.09 -10.26
CA VAL B 11 -30.32 2.53 -10.92
C VAL B 11 -29.88 1.61 -12.05
N LEU B 12 -29.15 2.17 -13.00
CA LEU B 12 -28.73 1.41 -14.16
C LEU B 12 -27.25 1.54 -14.43
N TRP B 13 -26.55 0.41 -14.45
CA TRP B 13 -25.15 0.35 -14.85
C TRP B 13 -24.97 -0.28 -16.24
N GLN B 14 -23.92 0.11 -16.94
CA GLN B 14 -23.45 -0.62 -18.11
C GLN B 14 -22.09 -1.25 -17.80
N MET B 15 -21.89 -2.48 -18.27
CA MET B 15 -20.59 -3.15 -18.09
C MET B 15 -20.11 -3.77 -19.41
N ASP B 16 -18.83 -3.66 -19.66
CA ASP B 16 -18.26 -4.08 -20.93
C ASP B 16 -16.76 -4.22 -20.77
N VAL B 17 -16.13 -4.94 -21.68
CA VAL B 17 -14.69 -5.11 -21.65
C VAL B 17 -14.11 -4.38 -22.82
N THR B 18 -13.04 -3.63 -22.60
CA THR B 18 -12.29 -3.04 -23.68
C THR B 18 -10.87 -3.57 -23.63
N HIS B 19 -10.13 -3.32 -24.70
CA HIS B 19 -8.87 -3.97 -24.96
C HIS B 19 -7.76 -2.92 -24.86
N VAL B 20 -6.78 -3.13 -23.98
CA VAL B 20 -5.65 -2.22 -23.87
C VAL B 20 -4.36 -3.01 -24.06
N SER B 21 -3.90 -3.09 -25.31
CA SER B 21 -2.79 -3.97 -25.66
C SER B 21 -1.52 -3.65 -24.90
N GLU B 22 -1.36 -2.38 -24.51
CA GLU B 22 -0.16 -1.95 -23.81
C GLU B 22 -0.04 -2.52 -22.38
N PHE B 23 -1.12 -3.14 -21.91
CA PHE B 23 -1.15 -3.79 -20.60
C PHE B 23 -0.66 -5.24 -20.67
N GLY B 24 -0.23 -5.69 -21.84
CA GLY B 24 0.27 -7.04 -22.00
C GLY B 24 -0.73 -8.11 -21.62
N LYS B 25 -0.34 -9.01 -20.70
CA LYS B 25 -1.23 -10.10 -20.27
C LYS B 25 -2.47 -9.58 -19.54
N LEU B 26 -2.47 -8.29 -19.19
CA LEU B 26 -3.58 -7.66 -18.48
C LEU B 26 -4.40 -6.73 -19.37
N LYS B 27 -4.44 -7.04 -20.66
CA LYS B 27 -5.08 -6.16 -21.63
C LYS B 27 -6.61 -6.13 -21.52
N TYR B 28 -7.19 -7.06 -20.79
CA TYR B 28 -8.65 -7.13 -20.70
C TYR B 28 -9.13 -6.19 -19.60
N VAL B 29 -9.53 -5.00 -19.99
CA VAL B 29 -9.98 -3.96 -19.07
C VAL B 29 -11.50 -4.01 -18.97
N HIS B 30 -11.97 -4.57 -17.86
CA HIS B 30 -13.38 -4.66 -17.56
C HIS B 30 -13.85 -3.31 -17.03
N VAL B 31 -14.98 -2.81 -17.53
CA VAL B 31 -15.41 -1.46 -17.21
C VAL B 31 -16.84 -1.45 -16.76
N THR B 32 -17.10 -0.82 -15.62
CA THR B 32 -18.47 -0.60 -15.14
C THR B 32 -18.75 0.88 -15.05
N VAL B 33 -19.88 1.34 -15.60
CA VAL B 33 -20.20 2.75 -15.50
C VAL B 33 -21.63 2.92 -15.04
N ASP B 34 -21.83 3.85 -14.12
CA ASP B 34 -23.19 4.24 -13.72
C ASP B 34 -23.76 5.19 -14.78
N THR B 35 -24.91 4.86 -15.35
CA THR B 35 -25.41 5.66 -16.47
C THR B 35 -25.96 7.01 -16.01
N TYR B 36 -26.20 7.19 -14.72
CA TYR B 36 -26.57 8.50 -14.21
C TYR B 36 -25.35 9.35 -13.87
N SER B 37 -24.52 8.84 -12.98
CA SER B 37 -23.45 9.65 -12.42
C SER B 37 -22.16 9.65 -13.25
N HIS B 38 -22.03 8.65 -14.11
CA HIS B 38 -20.82 8.39 -14.89
C HIS B 38 -19.66 7.97 -14.01
N PHE B 39 -19.96 7.67 -12.75
CA PHE B 39 -18.97 7.05 -11.85
C PHE B 39 -18.54 5.71 -12.45
N THR B 40 -17.24 5.47 -12.52
CA THR B 40 -16.71 4.35 -13.28
C THR B 40 -15.77 3.50 -12.44
N PHE B 41 -15.87 2.18 -12.55
CA PHE B 41 -14.90 1.28 -11.94
C PHE B 41 -14.34 0.36 -13.02
N ALA B 42 -13.02 0.26 -13.10
CA ALA B 42 -12.40 -0.61 -14.09
C ALA B 42 -11.31 -1.47 -13.46
N THR B 43 -11.12 -2.67 -13.98
CA THR B 43 -9.98 -3.50 -13.59
C THR B 43 -9.28 -4.10 -14.79
N ALA B 44 -7.98 -4.29 -14.66
CA ALA B 44 -7.19 -4.93 -15.71
C ALA B 44 -7.03 -6.41 -15.37
N ARG B 45 -7.47 -7.28 -16.28
CA ARG B 45 -7.55 -8.69 -16.00
C ARG B 45 -6.90 -9.52 -17.11
N THR B 46 -6.65 -10.80 -16.82
CA THR B 46 -5.95 -11.68 -17.76
C THR B 46 -6.88 -12.38 -18.73
N GLY B 47 -8.19 -12.13 -18.60
CA GLY B 47 -9.16 -12.73 -19.50
C GLY B 47 -10.48 -11.99 -19.43
N GLU B 48 -11.46 -12.46 -20.20
CA GLU B 48 -12.82 -11.92 -20.15
C GLU B 48 -13.82 -13.06 -20.15
N ALA B 49 -13.40 -14.19 -19.59
CA ALA B 49 -14.30 -15.32 -19.39
C ALA B 49 -15.24 -14.98 -18.24
N THR B 50 -16.23 -15.83 -18.03
CA THR B 50 -17.23 -15.63 -16.98
C THR B 50 -16.57 -15.38 -15.62
N LYS B 51 -15.58 -16.19 -15.29
CA LYS B 51 -14.92 -16.05 -14.00
C LYS B 51 -14.36 -14.62 -13.83
N ASP B 52 -13.80 -14.06 -14.90
CA ASP B 52 -13.19 -12.72 -14.83
C ASP B 52 -14.27 -11.66 -14.66
N VAL B 53 -15.34 -11.82 -15.43
CA VAL B 53 -16.44 -10.89 -15.41
C VAL B 53 -17.07 -10.88 -14.03
N LEU B 54 -17.28 -12.07 -13.45
CA LEU B 54 -17.98 -12.14 -12.17
C LEU B 54 -17.14 -11.52 -11.04
N GLN B 55 -15.83 -11.74 -11.06
CA GLN B 55 -14.92 -11.07 -10.14
C GLN B 55 -14.97 -9.57 -10.28
N HIS B 56 -14.94 -9.08 -11.51
CA HIS B 56 -15.02 -7.65 -11.72
C HIS B 56 -16.34 -7.08 -11.15
N LEU B 57 -17.43 -7.80 -11.38
CA LEU B 57 -18.72 -7.37 -10.84
C LEU B 57 -18.70 -7.25 -9.33
N ALA B 58 -18.22 -8.29 -8.66
CA ALA B 58 -18.20 -8.29 -7.21
C ALA B 58 -17.34 -7.11 -6.72
N GLN B 59 -16.22 -6.88 -7.40
CA GLN B 59 -15.39 -5.75 -7.02
C GLN B 59 -16.07 -4.40 -7.34
N SER B 60 -16.84 -4.35 -8.43
CA SER B 60 -17.61 -3.15 -8.72
C SER B 60 -18.55 -2.77 -7.58
N PHE B 61 -19.17 -3.77 -6.97
CA PHE B 61 -20.13 -3.51 -5.90
C PHE B 61 -19.43 -2.85 -4.73
N ALA B 62 -18.23 -3.31 -4.44
CA ALA B 62 -17.47 -2.76 -3.30
C ALA B 62 -17.20 -1.28 -3.51
N TYR B 63 -16.83 -0.95 -4.75
CA TYR B 63 -16.41 0.38 -5.11
C TYR B 63 -17.56 1.33 -5.45
N MET B 64 -18.67 0.78 -5.95
CA MET B 64 -19.75 1.64 -6.46
C MET B 64 -21.10 1.52 -5.75
N GLY B 65 -21.24 0.58 -4.83
CA GLY B 65 -22.53 0.29 -4.22
C GLY B 65 -23.31 -0.74 -5.03
N ILE B 66 -24.59 -0.91 -4.71
CA ILE B 66 -25.41 -1.95 -5.33
C ILE B 66 -26.45 -1.28 -6.22
N PRO B 67 -26.49 -1.67 -7.51
CA PRO B 67 -27.44 -1.04 -8.43
C PRO B 67 -28.74 -1.83 -8.52
N GLN B 68 -29.75 -1.23 -9.11
CA GLN B 68 -30.99 -1.94 -9.37
C GLN B 68 -30.86 -2.87 -10.59
N LYS B 69 -30.17 -2.36 -11.61
CA LYS B 69 -30.02 -3.06 -12.90
C LYS B 69 -28.61 -2.95 -13.48
N ILE B 70 -28.18 -3.98 -14.19
CA ILE B 70 -26.94 -3.92 -14.96
C ILE B 70 -27.18 -4.41 -16.39
N LYS B 71 -26.65 -3.67 -17.35
CA LYS B 71 -26.76 -4.02 -18.76
C LYS B 71 -25.40 -4.48 -19.28
N THR B 72 -25.39 -5.63 -19.96
CA THR B 72 -24.14 -6.24 -20.41
C THR B 72 -24.19 -6.61 -21.89
N ALA B 77 -23.94 -15.62 -24.61
CA ALA B 77 -25.06 -16.39 -24.09
C ALA B 77 -24.63 -17.16 -22.84
N TYR B 78 -23.54 -17.91 -22.97
CA TYR B 78 -22.98 -18.66 -21.85
C TYR B 78 -22.67 -17.73 -20.68
N VAL B 79 -21.93 -16.66 -20.97
CA VAL B 79 -21.55 -15.67 -19.97
C VAL B 79 -22.80 -14.96 -19.44
N SER B 80 -23.72 -14.67 -20.35
CA SER B 80 -24.97 -14.00 -19.99
C SER B 80 -25.75 -14.81 -18.97
N ARG B 81 -25.77 -16.14 -19.15
CA ARG B 81 -26.49 -17.02 -18.23
C ARG B 81 -25.81 -17.04 -16.88
N SER B 82 -24.50 -16.92 -16.88
CA SER B 82 -23.74 -16.92 -15.64
C SER B 82 -23.88 -15.59 -14.91
N ILE B 83 -23.93 -14.51 -15.68
CA ILE B 83 -24.20 -13.19 -15.12
C ILE B 83 -25.59 -13.17 -14.50
N GLN B 84 -26.56 -13.78 -15.18
CA GLN B 84 -27.92 -13.83 -14.64
C GLN B 84 -27.99 -14.59 -13.32
N GLU B 85 -27.34 -15.75 -13.25
CA GLU B 85 -27.31 -16.54 -12.02
C GLU B 85 -26.65 -15.78 -10.87
N PHE B 86 -25.56 -15.08 -11.20
CA PHE B 86 -24.79 -14.31 -10.23
C PHE B 86 -25.60 -13.14 -9.68
N LEU B 87 -26.24 -12.42 -10.58
CA LEU B 87 -27.00 -11.25 -10.20
C LEU B 87 -28.26 -11.64 -9.42
N ALA B 88 -28.80 -12.84 -9.69
CA ALA B 88 -29.99 -13.29 -8.98
C ALA B 88 -29.68 -13.44 -7.50
N ARG B 89 -28.47 -13.91 -7.17
CA ARG B 89 -28.04 -14.02 -5.78
C ARG B 89 -27.89 -12.66 -5.11
N TRP B 90 -27.44 -11.67 -5.87
CA TRP B 90 -27.24 -10.32 -5.37
C TRP B 90 -28.52 -9.47 -5.42
N LYS B 91 -29.60 -10.06 -5.92
CA LYS B 91 -30.87 -9.36 -6.09
C LYS B 91 -30.72 -8.11 -6.98
N ILE B 92 -30.05 -8.30 -8.11
CA ILE B 92 -29.89 -7.27 -9.12
C ILE B 92 -30.51 -7.71 -10.45
N SER B 93 -31.22 -6.81 -11.11
CA SER B 93 -31.82 -7.13 -12.41
C SER B 93 -30.77 -7.09 -13.51
N HIS B 94 -30.83 -8.08 -14.40
CA HIS B 94 -29.95 -8.12 -15.56
C HIS B 94 -30.67 -7.70 -16.84
N VAL B 95 -30.16 -6.67 -17.51
CA VAL B 95 -30.63 -6.29 -18.84
C VAL B 95 -29.66 -6.87 -19.87
N THR B 96 -30.14 -7.82 -20.67
CA THR B 96 -29.28 -8.55 -21.60
C THR B 96 -28.73 -7.69 -22.74
N GLY B 97 -29.56 -6.81 -23.27
CA GLY B 97 -29.17 -6.01 -24.41
C GLY B 97 -29.82 -6.57 -25.67
N ILE B 98 -30.05 -5.70 -26.64
CA ILE B 98 -30.54 -6.15 -27.93
C ILE B 98 -29.48 -5.86 -28.97
N PRO B 99 -29.39 -6.72 -29.99
CA PRO B 99 -28.39 -6.47 -31.02
C PRO B 99 -28.81 -5.32 -31.91
N TYR B 100 -27.85 -4.83 -32.69
CA TYR B 100 -28.09 -3.83 -33.71
C TYR B 100 -28.63 -2.55 -33.08
N ASN B 101 -28.13 -2.24 -31.89
CA ASN B 101 -28.56 -1.08 -31.14
C ASN B 101 -27.35 -0.33 -30.61
N PRO B 102 -26.60 0.35 -31.49
CA PRO B 102 -25.35 1.02 -31.10
C PRO B 102 -25.57 2.14 -30.06
N GLN B 103 -26.65 2.89 -30.22
CA GLN B 103 -26.96 3.99 -29.30
C GLN B 103 -27.09 3.51 -27.85
N GLY B 104 -27.47 2.25 -27.65
CA GLY B 104 -27.62 1.69 -26.32
C GLY B 104 -26.33 1.43 -25.56
N GLN B 105 -25.19 1.57 -26.24
CA GLN B 105 -23.89 1.32 -25.62
C GLN B 105 -22.99 2.56 -25.64
N ALA B 106 -23.57 3.70 -26.01
CA ALA B 106 -22.80 4.93 -26.19
C ALA B 106 -22.08 5.38 -24.93
N ILE B 107 -22.74 5.25 -23.78
CA ILE B 107 -22.14 5.72 -22.54
C ILE B 107 -20.86 4.92 -22.22
N VAL B 108 -20.95 3.59 -22.23
CA VAL B 108 -19.78 2.80 -21.86
C VAL B 108 -18.69 2.94 -22.95
N GLU B 109 -19.08 3.11 -24.21
CA GLU B 109 -18.07 3.27 -25.25
C GLU B 109 -17.30 4.58 -25.06
N ARG B 110 -18.01 5.64 -24.65
CA ARG B 110 -17.38 6.92 -24.35
C ARG B 110 -16.44 6.77 -23.16
N THR B 111 -16.85 5.93 -22.21
CA THR B 111 -16.05 5.70 -21.01
C THR B 111 -14.73 5.00 -21.34
N HIS B 112 -14.79 4.03 -22.25
CA HIS B 112 -13.57 3.36 -22.74
C HIS B 112 -12.58 4.38 -23.26
N GLN B 113 -13.09 5.32 -24.06
CA GLN B 113 -12.25 6.36 -24.63
C GLN B 113 -11.63 7.22 -23.55
N ASN B 114 -12.47 7.66 -22.61
CA ASN B 114 -12.02 8.51 -21.51
C ASN B 114 -10.92 7.81 -20.70
N ILE B 115 -11.09 6.52 -20.43
CA ILE B 115 -10.10 5.75 -19.70
C ILE B 115 -8.80 5.68 -20.50
N LYS B 116 -8.90 5.30 -21.77
CA LYS B 116 -7.73 5.19 -22.64
C LYS B 116 -7.02 6.53 -22.79
N ALA B 117 -7.78 7.62 -22.81
CA ALA B 117 -7.19 8.94 -22.93
C ALA B 117 -6.35 9.27 -21.69
N GLN B 118 -6.87 8.94 -20.52
CA GLN B 118 -6.12 9.10 -19.27
C GLN B 118 -4.86 8.22 -19.25
N LEU B 119 -5.02 6.97 -19.68
CA LEU B 119 -3.90 6.03 -19.68
C LEU B 119 -2.76 6.53 -20.56
N ASN B 120 -3.08 7.25 -21.64
CA ASN B 120 -2.07 7.73 -22.57
C ASN B 120 -1.09 8.71 -21.93
N LYS B 121 -1.53 9.39 -20.89
CA LYS B 121 -0.67 10.34 -20.17
C LYS B 121 0.26 9.62 -19.19
N LEU B 122 0.03 8.33 -19.02
CA LEU B 122 0.75 7.57 -18.01
C LEU B 122 1.76 6.60 -18.61
N GLN B 123 2.11 6.79 -19.87
CA GLN B 123 3.04 5.91 -20.56
C GLN B 123 4.39 5.83 -19.85
N LYS B 124 4.90 6.98 -19.42
CA LYS B 124 6.19 6.99 -18.72
C LYS B 124 6.06 6.34 -17.35
N ALA B 125 4.92 6.53 -16.70
CA ALA B 125 4.67 5.92 -15.41
C ALA B 125 4.66 4.38 -15.51
N GLY B 126 4.28 3.88 -16.69
CA GLY B 126 4.24 2.44 -16.93
C GLY B 126 5.57 1.72 -16.78
N LYS B 127 6.67 2.44 -16.90
CA LYS B 127 8.00 1.88 -16.67
C LYS B 127 8.15 1.39 -15.23
N TYR B 128 7.38 1.98 -14.32
CA TYR B 128 7.60 1.80 -12.90
C TYR B 128 6.40 1.20 -12.16
N TYR B 129 5.25 1.17 -12.83
CA TYR B 129 4.01 0.71 -12.20
C TYR B 129 3.24 -0.31 -13.02
N THR B 130 2.57 -1.22 -12.33
CA THR B 130 1.74 -2.23 -12.97
C THR B 130 0.51 -1.56 -13.59
N PRO B 131 -0.13 -2.24 -14.56
CA PRO B 131 -1.37 -1.70 -15.10
C PRO B 131 -2.43 -1.42 -14.05
N HIS B 132 -2.42 -2.19 -12.96
CA HIS B 132 -3.38 -1.99 -11.88
C HIS B 132 -3.23 -0.60 -11.30
N HIS B 133 -1.98 -0.20 -11.03
CA HIS B 133 -1.71 1.14 -10.50
C HIS B 133 -2.10 2.24 -11.47
N LEU B 134 -1.80 2.05 -12.75
CA LEU B 134 -2.04 3.09 -13.74
C LEU B 134 -3.54 3.29 -13.90
N LEU B 135 -4.26 2.18 -13.96
CA LEU B 135 -5.71 2.24 -14.12
C LEU B 135 -6.34 2.94 -12.93
N ALA B 136 -5.86 2.62 -11.73
CA ALA B 136 -6.36 3.24 -10.51
C ALA B 136 -6.16 4.76 -10.54
N HIS B 137 -4.99 5.21 -10.96
CA HIS B 137 -4.75 6.64 -11.11
C HIS B 137 -5.70 7.24 -12.13
N ALA B 138 -5.89 6.54 -13.25
CA ALA B 138 -6.75 7.04 -14.30
C ALA B 138 -8.18 7.20 -13.80
N LEU B 139 -8.66 6.20 -13.04
CA LEU B 139 -10.03 6.26 -12.51
C LEU B 139 -10.19 7.36 -11.49
N PHE B 140 -9.17 7.54 -10.66
CA PHE B 140 -9.17 8.60 -9.65
C PHE B 140 -9.36 9.98 -10.31
N VAL B 141 -8.64 10.22 -11.39
CA VAL B 141 -8.79 11.46 -12.14
C VAL B 141 -10.20 11.61 -12.73
N LEU B 142 -10.64 10.59 -13.44
CA LEU B 142 -11.98 10.59 -14.03
C LEU B 142 -13.09 10.78 -13.01
N ASN B 143 -13.00 10.10 -11.86
CA ASN B 143 -14.10 10.10 -10.90
C ASN B 143 -14.06 11.20 -9.85
N HIS B 144 -12.85 11.63 -9.49
CA HIS B 144 -12.68 12.41 -8.27
C HIS B 144 -11.99 13.77 -8.48
N VAL B 145 -11.53 14.03 -9.70
CA VAL B 145 -10.76 15.23 -9.99
C VAL B 145 -11.45 16.08 -11.03
N ASN B 146 -11.76 15.47 -12.18
CA ASN B 146 -12.52 16.14 -13.22
C ASN B 146 -13.85 16.59 -12.64
N MET B 147 -14.27 17.79 -13.03
CA MET B 147 -15.52 18.38 -12.54
C MET B 147 -16.42 18.69 -13.73
N ASP B 148 -17.74 18.66 -13.52
CA ASP B 148 -18.67 19.05 -14.57
C ASP B 148 -18.90 20.54 -14.54
N ASN B 149 -19.73 21.02 -15.46
CA ASN B 149 -20.04 22.45 -15.59
C ASN B 149 -20.63 23.06 -14.32
N GLN B 150 -21.09 22.22 -13.39
CA GLN B 150 -21.64 22.72 -12.13
C GLN B 150 -20.64 22.55 -10.99
N GLY B 151 -19.40 22.18 -11.33
CA GLY B 151 -18.34 22.06 -10.34
C GLY B 151 -18.37 20.78 -9.54
N HIS B 152 -19.02 19.76 -10.09
CA HIS B 152 -19.15 18.49 -9.39
C HIS B 152 -18.39 17.34 -10.06
N THR B 153 -17.77 16.50 -9.25
CA THR B 153 -17.14 15.29 -9.75
C THR B 153 -18.16 14.15 -9.87
N ALA B 154 -17.84 13.15 -10.68
CA ALA B 154 -18.68 11.96 -10.79
C ALA B 154 -18.95 11.34 -9.40
N ALA B 155 -17.93 11.34 -8.53
CA ALA B 155 -18.14 10.83 -7.18
C ALA B 155 -19.19 11.63 -6.44
N GLU B 156 -19.14 12.96 -6.57
CA GLU B 156 -20.14 13.79 -5.89
C GLU B 156 -21.52 13.48 -6.41
N ARG B 157 -21.63 13.26 -7.71
CA ARG B 157 -22.92 12.93 -8.30
C ARG B 157 -23.35 11.52 -7.89
N HIS B 158 -22.38 10.63 -7.71
CA HIS B 158 -22.69 9.26 -7.35
C HIS B 158 -23.13 9.10 -5.90
N TRP B 159 -22.46 9.82 -5.01
CA TRP B 159 -22.61 9.59 -3.58
C TRP B 159 -23.53 10.62 -2.94
N GLY C 6 -16.25 -15.24 -2.50
CA GLY C 6 -16.23 -13.84 -2.88
C GLY C 6 -17.25 -13.42 -3.93
N LEU C 7 -17.90 -14.41 -4.54
CA LEU C 7 -18.86 -14.11 -5.60
C LEU C 7 -20.29 -14.02 -5.07
N LYS C 8 -20.43 -14.13 -3.75
CA LYS C 8 -21.73 -14.07 -3.10
C LYS C 8 -21.72 -13.02 -2.01
N PRO C 9 -22.91 -12.48 -1.68
CA PRO C 9 -23.03 -11.55 -0.56
C PRO C 9 -22.60 -12.21 0.74
N ARG C 10 -22.03 -11.43 1.67
CA ARG C 10 -21.71 -11.93 2.99
C ARG C 10 -22.99 -11.77 3.80
N VAL C 11 -23.00 -12.23 5.03
CA VAL C 11 -24.24 -12.20 5.80
C VAL C 11 -24.16 -11.12 6.86
N LEU C 12 -23.50 -11.43 7.97
CA LEU C 12 -23.41 -10.51 9.08
C LEU C 12 -21.96 -10.19 9.43
N TRP C 13 -21.69 -8.89 9.57
CA TRP C 13 -20.43 -8.38 10.12
C TRP C 13 -20.68 -7.69 11.42
N GLN C 14 -19.74 -7.76 12.35
CA GLN C 14 -19.72 -6.88 13.51
C GLN C 14 -18.63 -5.82 13.30
N MET C 15 -18.90 -4.60 13.73
CA MET C 15 -17.92 -3.53 13.64
C MET C 15 -17.85 -2.71 14.94
N ASP C 16 -16.64 -2.37 15.35
CA ASP C 16 -16.44 -1.68 16.62
C ASP C 16 -15.06 -1.05 16.64
N VAL C 17 -14.87 -0.04 17.48
CA VAL C 17 -13.54 0.58 17.66
C VAL C 17 -12.95 0.14 18.99
N THR C 18 -11.69 -0.25 18.97
CA THR C 18 -10.95 -0.56 20.19
C THR C 18 -9.79 0.43 20.28
N HIS C 19 -9.33 0.70 21.50
CA HIS C 19 -8.30 1.71 21.67
C HIS C 19 -6.98 1.01 21.97
N VAL C 20 -5.94 1.37 21.23
CA VAL C 20 -4.64 0.77 21.42
C VAL C 20 -3.74 1.90 21.89
N SER C 21 -3.47 1.93 23.19
CA SER C 21 -2.75 3.05 23.80
C SER C 21 -1.41 3.34 23.14
N GLU C 22 -0.68 2.29 22.83
CA GLU C 22 0.67 2.45 22.31
C GLU C 22 0.70 3.04 20.90
N PHE C 23 -0.47 3.18 20.27
CA PHE C 23 -0.55 3.77 18.93
C PHE C 23 -0.66 5.29 18.98
N GLY C 24 -0.85 5.83 20.19
CA GLY C 24 -0.88 7.27 20.35
C GLY C 24 -1.97 7.97 19.56
N LYS C 25 -1.59 8.87 18.67
CA LYS C 25 -2.55 9.60 17.86
C LYS C 25 -3.35 8.68 16.92
N LEU C 26 -2.87 7.46 16.73
CA LEU C 26 -3.57 6.50 15.89
C LEU C 26 -4.22 5.40 16.73
N LYS C 27 -4.55 5.71 17.99
CA LYS C 27 -5.05 4.69 18.91
C LYS C 27 -6.45 4.18 18.53
N TYR C 28 -7.12 4.86 17.60
CA TYR C 28 -8.51 4.52 17.27
C TYR C 28 -8.51 3.41 16.23
N VAL C 29 -8.61 2.17 16.70
CA VAL C 29 -8.48 1.02 15.84
C VAL C 29 -9.87 0.52 15.52
N HIS C 30 -10.29 0.74 14.27
CA HIS C 30 -11.59 0.30 13.81
C HIS C 30 -11.47 -1.13 13.33
N VAL C 31 -12.44 -1.96 13.70
CA VAL C 31 -12.37 -3.39 13.46
C VAL C 31 -13.67 -3.88 12.84
N THR C 32 -13.55 -4.63 11.75
CA THR C 32 -14.72 -5.24 11.12
C THR C 32 -14.44 -6.73 11.08
N VAL C 33 -15.37 -7.56 11.56
CA VAL C 33 -15.15 -9.00 11.52
C VAL C 33 -16.36 -9.68 10.92
N ASP C 34 -16.10 -10.59 9.98
CA ASP C 34 -17.16 -11.39 9.37
C ASP C 34 -17.53 -12.51 10.35
N THR C 35 -18.79 -12.61 10.74
CA THR C 35 -19.09 -13.59 11.79
C THR C 35 -19.10 -15.03 11.30
N TYR C 36 -19.09 -15.24 9.99
CA TYR C 36 -18.99 -16.60 9.46
C TYR C 36 -17.55 -17.09 9.35
N SER C 37 -16.71 -16.30 8.70
CA SER C 37 -15.32 -16.71 8.45
C SER C 37 -14.37 -16.29 9.56
N HIS C 38 -14.77 -15.29 10.34
CA HIS C 38 -13.94 -14.62 11.34
C HIS C 38 -12.76 -13.90 10.69
N PHE C 39 -12.85 -13.72 9.39
CA PHE C 39 -11.91 -12.87 8.67
C PHE C 39 -12.07 -11.44 9.19
N THR C 40 -10.96 -10.73 9.39
CA THR C 40 -11.00 -9.43 10.05
C THR C 40 -10.28 -8.31 9.27
N PHE C 41 -10.90 -7.14 9.21
CA PHE C 41 -10.24 -5.97 8.65
C PHE C 41 -10.16 -4.88 9.72
N ALA C 42 -8.96 -4.37 9.98
CA ALA C 42 -8.80 -3.36 10.99
C ALA C 42 -7.96 -2.23 10.46
N THR C 43 -8.27 -1.01 10.88
CA THR C 43 -7.43 0.13 10.52
C THR C 43 -7.15 0.96 11.76
N ALA C 44 -5.96 1.56 11.78
CA ALA C 44 -5.60 2.52 12.83
C ALA C 44 -5.83 3.93 12.32
N ARG C 45 -6.68 4.70 13.00
CA ARG C 45 -7.12 5.99 12.49
C ARG C 45 -6.93 7.08 13.53
N THR C 46 -7.02 8.33 13.07
CA THR C 46 -6.79 9.50 13.93
C THR C 46 -8.06 9.88 14.71
N GLY C 47 -9.14 9.13 14.53
CA GLY C 47 -10.38 9.45 15.19
C GLY C 47 -11.44 8.38 15.12
N GLU C 48 -12.55 8.61 15.82
CA GLU C 48 -13.68 7.72 15.71
C GLU C 48 -14.96 8.53 15.50
N ALA C 49 -14.83 9.65 14.81
CA ALA C 49 -15.99 10.43 14.43
C ALA C 49 -16.65 9.79 13.21
N THR C 50 -17.77 10.35 12.78
CA THR C 50 -18.51 9.82 11.64
C THR C 50 -17.66 9.64 10.39
N LYS C 51 -16.81 10.63 10.08
CA LYS C 51 -15.97 10.54 8.89
C LYS C 51 -15.06 9.32 8.96
N ASP C 52 -14.52 9.06 10.15
CA ASP C 52 -13.61 7.93 10.36
C ASP C 52 -14.30 6.58 10.17
N VAL C 53 -15.50 6.43 10.72
CA VAL C 53 -16.23 5.19 10.56
C VAL C 53 -16.58 4.91 9.11
N LEU C 54 -17.07 5.93 8.41
CA LEU C 54 -17.53 5.72 7.05
C LEU C 54 -16.36 5.38 6.15
N GLN C 55 -15.22 6.01 6.39
CA GLN C 55 -14.02 5.65 5.65
C GLN C 55 -13.65 4.19 5.88
N HIS C 56 -13.68 3.77 7.14
CA HIS C 56 -13.32 2.40 7.46
C HIS C 56 -14.31 1.39 6.84
N LEU C 57 -15.60 1.72 6.87
CA LEU C 57 -16.62 0.90 6.21
C LEU C 57 -16.34 0.73 4.72
N ALA C 58 -16.05 1.84 4.04
CA ALA C 58 -15.78 1.77 2.60
C ALA C 58 -14.55 0.90 2.33
N GLN C 59 -13.52 1.04 3.14
CA GLN C 59 -12.32 0.21 2.98
C GLN C 59 -12.64 -1.24 3.30
N SER C 60 -13.56 -1.47 4.26
CA SER C 60 -13.96 -2.83 4.62
C SER C 60 -14.56 -3.57 3.44
N PHE C 61 -15.38 -2.87 2.64
CA PHE C 61 -15.99 -3.51 1.47
C PHE C 61 -14.90 -3.88 0.46
N ALA C 62 -13.98 -2.95 0.22
CA ALA C 62 -12.89 -3.24 -0.70
C ALA C 62 -12.08 -4.46 -0.25
N TYR C 63 -11.91 -4.62 1.06
CA TYR C 63 -11.04 -5.69 1.56
C TYR C 63 -11.75 -7.01 1.80
N MET C 64 -13.07 -6.97 2.04
CA MET C 64 -13.80 -8.14 2.53
C MET C 64 -15.06 -8.54 1.74
N GLY C 65 -15.59 -7.64 0.91
CA GLY C 65 -16.86 -7.94 0.24
C GLY C 65 -18.03 -7.13 0.80
N ILE C 66 -19.24 -7.63 0.62
CA ILE C 66 -20.43 -6.85 0.97
C ILE C 66 -21.38 -7.71 1.79
N PRO C 67 -21.63 -7.32 3.04
CA PRO C 67 -22.56 -8.08 3.86
C PRO C 67 -23.99 -7.61 3.67
N GLN C 68 -24.92 -8.32 4.31
CA GLN C 68 -26.32 -7.94 4.30
C GLN C 68 -26.65 -7.07 5.49
N LYS C 69 -25.93 -7.30 6.60
CA LYS C 69 -26.15 -6.55 7.83
C LYS C 69 -24.83 -6.28 8.52
N ILE C 70 -24.71 -5.11 9.13
CA ILE C 70 -23.56 -4.79 9.98
C ILE C 70 -24.07 -4.40 11.36
N LYS C 71 -23.58 -5.10 12.37
CA LYS C 71 -23.95 -4.80 13.75
C LYS C 71 -22.89 -3.98 14.47
N THR C 72 -23.32 -2.90 15.12
CA THR C 72 -22.48 -2.15 16.04
C THR C 72 -23.18 -2.13 17.38
N ASP C 73 -22.54 -1.66 18.44
CA ASP C 73 -23.39 -1.45 19.61
C ASP C 73 -23.85 0.00 19.56
N ASN C 74 -24.48 0.47 20.63
CA ASN C 74 -25.21 1.72 20.58
C ASN C 74 -24.31 2.94 20.43
N ALA C 75 -24.29 3.49 19.22
CA ALA C 75 -23.58 4.75 18.93
C ALA C 75 -24.53 5.93 19.11
N PRO C 76 -24.00 7.17 19.09
CA PRO C 76 -24.92 8.31 19.13
C PRO C 76 -25.93 8.26 17.97
N ALA C 77 -27.12 8.82 18.21
CA ALA C 77 -28.21 8.74 17.26
C ALA C 77 -27.83 9.25 15.87
N TYR C 78 -27.20 10.42 15.82
CA TYR C 78 -26.86 11.03 14.55
C TYR C 78 -25.73 10.25 13.84
N VAL C 79 -24.92 9.54 14.62
CA VAL C 79 -23.91 8.65 14.02
C VAL C 79 -24.61 7.50 13.35
N SER C 80 -25.55 6.88 14.07
CA SER C 80 -26.26 5.73 13.54
C SER C 80 -27.03 6.09 12.28
N ARG C 81 -27.60 7.29 12.25
CA ARG C 81 -28.32 7.75 11.07
C ARG C 81 -27.37 7.90 9.89
N SER C 82 -26.20 8.49 10.14
CA SER C 82 -25.20 8.67 9.09
C SER C 82 -24.70 7.33 8.58
N ILE C 83 -24.53 6.37 9.49
CA ILE C 83 -24.13 5.02 9.12
C ILE C 83 -25.21 4.33 8.28
N GLN C 84 -26.45 4.35 8.75
CA GLN C 84 -27.49 3.68 7.98
C GLN C 84 -27.69 4.32 6.61
N GLU C 85 -27.55 5.64 6.52
CA GLU C 85 -27.71 6.32 5.24
C GLU C 85 -26.60 5.90 4.27
N PHE C 86 -25.38 5.89 4.79
CA PHE C 86 -24.24 5.41 4.05
C PHE C 86 -24.42 3.95 3.62
N LEU C 87 -24.78 3.08 4.56
CA LEU C 87 -24.92 1.66 4.27
C LEU C 87 -26.02 1.35 3.26
N ALA C 88 -27.01 2.23 3.17
CA ALA C 88 -28.13 2.01 2.24
C ALA C 88 -27.67 1.93 0.77
N ARG C 89 -26.58 2.60 0.45
CA ARG C 89 -26.01 2.58 -0.91
C ARG C 89 -25.58 1.18 -1.33
N TRP C 90 -25.28 0.34 -0.35
CA TRP C 90 -24.98 -1.06 -0.58
C TRP C 90 -26.12 -1.98 -0.15
N LYS C 91 -27.28 -1.40 0.16
CA LYS C 91 -28.45 -2.15 0.64
C LYS C 91 -28.13 -2.95 1.89
N ILE C 92 -27.22 -2.41 2.71
CA ILE C 92 -26.83 -3.03 3.98
C ILE C 92 -27.70 -2.49 5.09
N SER C 93 -28.25 -3.38 5.90
CA SER C 93 -28.97 -3.00 7.12
C SER C 93 -28.02 -2.79 8.28
N HIS C 94 -28.19 -1.67 8.98
CA HIS C 94 -27.43 -1.40 10.21
C HIS C 94 -28.23 -1.87 11.44
N VAL C 95 -27.63 -2.74 12.24
CA VAL C 95 -28.30 -3.23 13.45
C VAL C 95 -27.48 -2.89 14.69
N THR C 96 -28.16 -2.60 15.81
CA THR C 96 -27.44 -2.24 17.03
C THR C 96 -27.48 -3.35 18.09
N GLY C 97 -28.48 -4.22 18.01
CA GLY C 97 -28.50 -5.41 18.85
C GLY C 97 -29.40 -5.40 20.09
N ILE C 98 -29.05 -6.25 21.05
CA ILE C 98 -29.90 -6.52 22.20
C ILE C 98 -29.17 -6.23 23.51
N PRO C 99 -29.87 -5.63 24.49
CA PRO C 99 -29.35 -5.46 25.84
C PRO C 99 -29.17 -6.79 26.58
N TYR C 100 -28.17 -6.86 27.48
CA TYR C 100 -27.86 -8.07 28.24
C TYR C 100 -27.75 -9.30 27.35
N ASN C 101 -26.91 -9.19 26.33
CA ASN C 101 -26.70 -10.29 25.39
C ASN C 101 -25.24 -10.30 24.94
N PRO C 102 -24.33 -10.64 25.87
CA PRO C 102 -22.89 -10.57 25.59
C PRO C 102 -22.47 -11.57 24.51
N GLN C 103 -23.29 -12.61 24.32
CA GLN C 103 -22.98 -13.63 23.33
C GLN C 103 -22.99 -13.06 21.93
N GLY C 104 -23.93 -12.15 21.67
CA GLY C 104 -24.04 -11.51 20.36
C GLY C 104 -22.92 -10.53 20.08
N GLN C 105 -22.12 -10.23 21.09
CA GLN C 105 -21.01 -9.30 20.96
C GLN C 105 -19.67 -10.00 21.14
N ALA C 106 -19.72 -11.30 21.43
CA ALA C 106 -18.53 -12.08 21.74
C ALA C 106 -17.48 -12.03 20.62
N ILE C 107 -17.91 -12.20 19.37
CA ILE C 107 -16.96 -12.38 18.27
C ILE C 107 -16.03 -11.18 18.12
N VAL C 108 -16.58 -9.97 18.12
CA VAL C 108 -15.71 -8.81 17.89
C VAL C 108 -14.89 -8.56 19.16
N GLU C 109 -15.43 -8.92 20.32
CA GLU C 109 -14.66 -8.77 21.56
C GLU C 109 -13.46 -9.71 21.56
N ARG C 110 -13.66 -10.94 21.11
CA ARG C 110 -12.57 -11.89 20.99
C ARG C 110 -11.56 -11.44 19.93
N THR C 111 -12.09 -10.83 18.86
CA THR C 111 -11.25 -10.27 17.81
C THR C 111 -10.34 -9.16 18.36
N HIS C 112 -10.90 -8.25 19.14
CA HIS C 112 -10.12 -7.19 19.78
C HIS C 112 -8.99 -7.78 20.61
N GLN C 113 -9.33 -8.80 21.39
CA GLN C 113 -8.33 -9.43 22.27
C GLN C 113 -7.24 -10.11 21.45
N ASN C 114 -7.65 -10.72 20.34
CA ASN C 114 -6.68 -11.40 19.49
C ASN C 114 -5.73 -10.40 18.86
N ILE C 115 -6.28 -9.26 18.41
CA ILE C 115 -5.44 -8.20 17.83
C ILE C 115 -4.45 -7.67 18.86
N LYS C 116 -4.93 -7.38 20.07
CA LYS C 116 -4.04 -6.81 21.07
C LYS C 116 -3.00 -7.83 21.53
N ALA C 117 -3.35 -9.11 21.48
CA ALA C 117 -2.40 -10.15 21.85
C ALA C 117 -1.26 -10.20 20.82
N GLN C 118 -1.62 -10.07 19.55
CA GLN C 118 -0.61 -9.99 18.50
C GLN C 118 0.19 -8.71 18.64
N LEU C 119 -0.49 -7.59 18.94
CA LEU C 119 0.21 -6.31 19.03
C LEU C 119 1.17 -6.28 20.21
N ASN C 120 0.88 -7.08 21.23
CA ASN C 120 1.75 -7.11 22.41
C ASN C 120 3.11 -7.77 22.13
N LYS C 121 3.20 -8.54 21.06
CA LYS C 121 4.47 -9.14 20.65
C LYS C 121 5.30 -8.15 19.84
N LEU C 122 4.72 -7.00 19.53
CA LEU C 122 5.34 -6.07 18.58
C LEU C 122 5.77 -4.77 19.24
N GLN C 123 5.95 -4.77 20.56
CA GLN C 123 6.28 -3.51 21.21
C GLN C 123 7.70 -3.06 20.86
N LYS C 124 8.60 -4.02 20.72
CA LYS C 124 9.96 -3.71 20.27
C LYS C 124 9.90 -3.18 18.83
N ALA C 125 9.09 -3.84 18.00
CA ALA C 125 8.94 -3.43 16.61
C ALA C 125 8.41 -2.01 16.51
N GLY C 126 7.61 -1.60 17.50
CA GLY C 126 7.04 -0.27 17.54
C GLY C 126 8.06 0.84 17.69
N LYS C 127 9.27 0.48 18.11
CA LYS C 127 10.39 1.43 18.16
C LYS C 127 10.71 1.94 16.77
N TYR C 128 10.41 1.13 15.76
CA TYR C 128 10.87 1.37 14.41
C TYR C 128 9.75 1.55 13.38
N TYR C 129 8.59 0.97 13.63
CA TYR C 129 7.48 0.99 12.66
C TYR C 129 6.26 1.77 13.16
N THR C 130 5.48 2.29 12.22
CA THR C 130 4.24 3.01 12.51
C THR C 130 3.14 2.04 12.92
N PRO C 131 2.10 2.53 13.59
CA PRO C 131 0.95 1.67 13.92
C PRO C 131 0.34 0.96 12.71
N HIS C 132 0.35 1.59 11.54
CA HIS C 132 -0.26 0.93 10.38
C HIS C 132 0.47 -0.36 10.03
N HIS C 133 1.81 -0.33 10.09
CA HIS C 133 2.60 -1.51 9.78
C HIS C 133 2.43 -2.58 10.86
N LEU C 134 2.37 -2.17 12.12
CA LEU C 134 2.22 -3.12 13.22
C LEU C 134 0.89 -3.84 13.13
N LEU C 135 -0.14 -3.04 12.90
CA LEU C 135 -1.50 -3.56 12.83
C LEU C 135 -1.62 -4.48 11.62
N ALA C 136 -0.99 -4.09 10.51
CA ALA C 136 -1.06 -4.92 9.32
C ALA C 136 -0.41 -6.27 9.57
N HIS C 137 0.71 -6.26 10.30
CA HIS C 137 1.39 -7.50 10.62
C HIS C 137 0.51 -8.39 11.51
N ALA C 138 -0.10 -7.78 12.53
CA ALA C 138 -0.93 -8.53 13.45
C ALA C 138 -2.09 -9.19 12.72
N LEU C 139 -2.73 -8.43 11.82
CA LEU C 139 -3.89 -8.94 11.12
C LEU C 139 -3.46 -10.06 10.16
N PHE C 140 -2.28 -9.91 9.56
CA PHE C 140 -1.77 -10.94 8.68
C PHE C 140 -1.60 -12.27 9.45
N VAL C 141 -1.07 -12.21 10.66
CA VAL C 141 -0.96 -13.44 11.46
C VAL C 141 -2.35 -14.02 11.71
N LEU C 142 -3.27 -13.17 12.13
CA LEU C 142 -4.59 -13.66 12.51
C LEU C 142 -5.38 -14.24 11.33
N ASN C 143 -5.25 -13.60 10.18
CA ASN C 143 -6.05 -13.97 9.00
C ASN C 143 -5.41 -15.01 8.12
N HIS C 144 -4.08 -15.05 8.10
CA HIS C 144 -3.39 -15.81 7.06
C HIS C 144 -2.38 -16.83 7.58
N VAL C 145 -2.04 -16.77 8.87
CA VAL C 145 -1.06 -17.70 9.43
C VAL C 145 -1.71 -18.68 10.40
N ASN C 146 -2.45 -18.17 11.39
CA ASN C 146 -3.19 -19.05 12.30
C ASN C 146 -4.15 -19.93 11.52
N MET C 147 -4.35 -21.16 12.00
CA MET C 147 -5.24 -22.10 11.33
C MET C 147 -6.23 -22.66 12.34
N ASP C 148 -7.40 -23.07 11.86
CA ASP C 148 -8.38 -23.76 12.69
C ASP C 148 -8.06 -25.26 12.73
N ASN C 149 -8.96 -26.02 13.34
CA ASN C 149 -8.77 -27.45 13.54
C ASN C 149 -8.65 -28.22 12.23
N GLN C 150 -9.23 -27.69 11.15
CA GLN C 150 -9.14 -28.34 9.85
C GLN C 150 -7.94 -27.88 9.04
N GLY C 151 -7.12 -27.00 9.62
CA GLY C 151 -5.93 -26.51 8.96
C GLY C 151 -6.21 -25.39 7.97
N HIS C 152 -7.29 -24.65 8.21
CA HIS C 152 -7.66 -23.55 7.33
C HIS C 152 -7.51 -22.20 8.00
N THR C 153 -7.00 -21.22 7.26
CA THR C 153 -6.89 -19.86 7.77
C THR C 153 -8.23 -19.14 7.62
N ALA C 154 -8.40 -18.02 8.31
CA ALA C 154 -9.62 -17.24 8.12
C ALA C 154 -9.77 -16.77 6.68
N ALA C 155 -8.64 -16.41 6.06
CA ALA C 155 -8.65 -16.03 4.66
C ALA C 155 -9.17 -17.14 3.76
N GLU C 156 -8.76 -18.36 4.04
CA GLU C 156 -9.21 -19.50 3.26
C GLU C 156 -10.71 -19.68 3.45
N ARG C 157 -11.20 -19.54 4.67
CA ARG C 157 -12.63 -19.71 4.92
C ARG C 157 -13.41 -18.56 4.27
N HIS C 158 -12.78 -17.39 4.19
CA HIS C 158 -13.46 -16.22 3.64
C HIS C 158 -13.47 -16.24 2.12
N TRP C 159 -12.34 -16.59 1.50
CA TRP C 159 -12.15 -16.33 0.08
C TRP C 159 -12.14 -17.59 -0.80
N GLY C 160 -11.80 -18.73 -0.23
CA GLY C 160 -11.49 -19.87 -1.08
C GLY C 160 -10.23 -19.59 -1.88
N PRO C 161 -10.17 -20.07 -3.12
CA PRO C 161 -8.90 -19.99 -3.88
C PRO C 161 -8.42 -18.57 -4.21
N ILE C 162 -9.33 -17.61 -4.36
CA ILE C 162 -9.01 -16.31 -4.92
C ILE C 162 -9.57 -15.15 -4.09
N SER C 163 -8.67 -14.26 -3.65
CA SER C 163 -9.07 -13.05 -2.94
C SER C 163 -9.58 -11.98 -3.90
N LEU C 164 -10.74 -11.41 -3.58
CA LEU C 164 -11.30 -10.35 -4.41
C LEU C 164 -11.13 -8.98 -3.76
N GLU C 165 -10.08 -8.81 -2.96
CA GLU C 165 -9.74 -7.49 -2.43
C GLU C 165 -9.58 -6.51 -3.58
N VAL C 166 -10.19 -5.34 -3.43
CA VAL C 166 -9.99 -4.23 -4.35
C VAL C 166 -8.80 -3.43 -3.87
N LYS D 8 30.81 -4.98 16.45
CA LYS D 8 29.79 -3.94 16.38
C LYS D 8 28.97 -4.07 15.09
N PRO D 9 27.78 -3.48 15.06
CA PRO D 9 27.01 -3.57 13.80
C PRO D 9 27.64 -2.78 12.66
N ARG D 10 27.30 -3.19 11.43
CA ARG D 10 27.70 -2.50 10.19
C ARG D 10 29.21 -2.47 10.02
N VAL D 11 29.85 -3.51 10.51
CA VAL D 11 31.27 -3.70 10.22
C VAL D 11 31.41 -4.73 9.09
N LEU D 12 30.88 -5.94 9.30
CA LEU D 12 31.03 -7.01 8.31
C LEU D 12 29.68 -7.66 8.01
N TRP D 13 29.29 -7.62 6.75
CA TRP D 13 28.11 -8.36 6.27
C TRP D 13 28.55 -9.58 5.47
N GLN D 14 27.68 -10.58 5.42
CA GLN D 14 27.83 -11.66 4.44
C GLN D 14 26.62 -11.62 3.50
N MET D 15 26.86 -11.85 2.23
CA MET D 15 25.79 -11.83 1.24
C MET D 15 25.84 -13.05 0.33
N ASP D 16 24.68 -13.57 0.01
CA ASP D 16 24.63 -14.85 -0.67
C ASP D 16 23.24 -15.00 -1.26
N VAL D 17 23.00 -16.10 -1.95
CA VAL D 17 21.69 -16.36 -2.52
C VAL D 17 21.24 -17.72 -2.03
N THR D 18 19.97 -17.85 -1.67
CA THR D 18 19.40 -19.16 -1.38
C THR D 18 18.22 -19.35 -2.32
N HIS D 19 17.87 -20.60 -2.62
CA HIS D 19 16.80 -20.84 -3.59
C HIS D 19 15.55 -21.31 -2.86
N VAL D 20 14.43 -20.66 -3.15
CA VAL D 20 13.18 -21.01 -2.50
C VAL D 20 12.20 -21.42 -3.60
N SER D 21 12.08 -22.72 -3.83
CA SER D 21 11.34 -23.17 -5.00
C SER D 21 9.86 -22.84 -4.91
N GLU D 22 9.35 -22.68 -3.68
CA GLU D 22 7.95 -22.28 -3.50
C GLU D 22 7.62 -20.95 -4.19
N PHE D 23 8.65 -20.14 -4.44
CA PHE D 23 8.48 -18.83 -5.09
C PHE D 23 8.51 -18.90 -6.62
N GLY D 24 8.71 -20.09 -7.18
CA GLY D 24 8.72 -20.23 -8.62
C GLY D 24 9.79 -19.40 -9.32
N LYS D 25 9.38 -18.53 -10.22
CA LYS D 25 10.28 -17.65 -10.96
C LYS D 25 11.00 -16.65 -10.05
N LEU D 26 10.48 -16.47 -8.85
CA LEU D 26 11.13 -15.59 -7.87
C LEU D 26 11.92 -16.38 -6.82
N LYS D 27 12.41 -17.56 -7.20
CA LYS D 27 13.09 -18.41 -6.24
C LYS D 27 14.49 -17.94 -5.85
N TYR D 28 15.02 -16.93 -6.54
CA TYR D 28 16.38 -16.47 -6.21
C TYR D 28 16.29 -15.47 -5.07
N VAL D 29 16.44 -15.96 -3.85
CA VAL D 29 16.30 -15.13 -2.66
C VAL D 29 17.66 -14.64 -2.24
N HIS D 30 17.94 -13.39 -2.56
CA HIS D 30 19.20 -12.79 -2.18
C HIS D 30 19.19 -12.43 -0.71
N VAL D 31 20.28 -12.72 0.00
CA VAL D 31 20.28 -12.60 1.46
C VAL D 31 21.50 -11.86 1.96
N THR D 32 21.28 -10.83 2.76
CA THR D 32 22.35 -10.10 3.42
C THR D 32 22.19 -10.24 4.93
N VAL D 33 23.26 -10.56 5.65
CA VAL D 33 23.16 -10.63 7.09
C VAL D 33 24.35 -9.92 7.73
N ASP D 34 24.06 -9.14 8.77
CA ASP D 34 25.13 -8.48 9.53
C ASP D 34 25.73 -9.52 10.48
N THR D 35 27.04 -9.72 10.42
CA THR D 35 27.66 -10.81 11.19
C THR D 35 27.73 -10.52 12.71
N TYR D 36 27.52 -9.27 13.11
CA TYR D 36 27.41 -8.96 14.53
C TYR D 36 25.96 -9.08 15.00
N SER D 37 25.06 -8.31 14.39
CA SER D 37 23.70 -8.18 14.89
C SER D 37 22.77 -9.31 14.45
N HIS D 38 23.14 -9.95 13.35
CA HIS D 38 22.31 -10.96 12.67
C HIS D 38 21.06 -10.35 12.05
N PHE D 39 21.00 -9.03 12.00
CA PHE D 39 19.96 -8.30 11.27
C PHE D 39 20.07 -8.72 9.81
N THR D 40 18.94 -9.06 9.20
CA THR D 40 18.96 -9.68 7.88
C THR D 40 18.03 -8.96 6.89
N PHE D 41 18.48 -8.82 5.64
CA PHE D 41 17.63 -8.30 4.58
C PHE D 41 17.67 -9.26 3.41
N ALA D 42 16.50 -9.52 2.86
CA ALA D 42 16.40 -10.47 1.77
C ALA D 42 15.44 -9.96 0.73
N THR D 43 15.69 -10.29 -0.53
CA THR D 43 14.75 -9.97 -1.61
C THR D 43 14.53 -11.18 -2.48
N ALA D 44 13.35 -11.28 -3.06
CA ALA D 44 13.08 -12.38 -3.97
C ALA D 44 13.21 -11.86 -5.39
N ARG D 45 14.06 -12.50 -6.18
CA ARG D 45 14.42 -11.96 -7.48
C ARG D 45 14.30 -13.02 -8.58
N THR D 46 14.32 -12.59 -9.83
CA THR D 46 14.15 -13.50 -10.96
C THR D 46 15.45 -14.12 -11.45
N GLY D 47 16.55 -13.74 -10.83
CA GLY D 47 17.86 -14.25 -11.22
C GLY D 47 18.89 -14.05 -10.15
N GLU D 48 20.06 -14.63 -10.35
CA GLU D 48 21.21 -14.28 -9.51
C GLU D 48 22.40 -13.87 -10.37
N ALA D 49 22.11 -13.14 -11.44
CA ALA D 49 23.17 -12.55 -12.25
C ALA D 49 23.70 -11.28 -11.57
N THR D 50 24.77 -10.71 -12.14
CA THR D 50 25.36 -9.48 -11.62
C THR D 50 24.31 -8.41 -11.41
N LYS D 51 23.46 -8.24 -12.41
CA LYS D 51 22.38 -7.25 -12.35
C LYS D 51 21.55 -7.42 -11.08
N ASP D 52 21.22 -8.66 -10.80
CA ASP D 52 20.37 -8.96 -9.65
C ASP D 52 21.05 -8.71 -8.30
N VAL D 53 22.32 -9.08 -8.18
CA VAL D 53 23.01 -8.91 -6.91
C VAL D 53 23.28 -7.42 -6.64
N LEU D 54 23.59 -6.65 -7.68
CA LEU D 54 23.84 -5.22 -7.46
C LEU D 54 22.55 -4.52 -7.03
N GLN D 55 21.42 -4.93 -7.58
CA GLN D 55 20.15 -4.34 -7.16
C GLN D 55 19.87 -4.67 -5.71
N HIS D 56 20.07 -5.93 -5.37
CA HIS D 56 19.88 -6.34 -3.99
C HIS D 56 20.78 -5.56 -3.03
N LEU D 57 22.00 -5.33 -3.44
CA LEU D 57 22.96 -4.63 -2.60
C LEU D 57 22.46 -3.22 -2.31
N ALA D 58 22.09 -2.50 -3.37
CA ALA D 58 21.57 -1.13 -3.18
C ALA D 58 20.38 -1.12 -2.25
N GLN D 59 19.47 -2.07 -2.42
CA GLN D 59 18.32 -2.14 -1.52
C GLN D 59 18.71 -2.49 -0.08
N SER D 60 19.73 -3.34 0.10
CA SER D 60 20.22 -3.67 1.43
C SER D 60 20.68 -2.44 2.19
N PHE D 61 21.24 -1.48 1.48
CA PHE D 61 21.72 -0.28 2.16
C PHE D 61 20.56 0.54 2.69
N ALA D 62 19.45 0.59 1.95
CA ALA D 62 18.31 1.34 2.45
C ALA D 62 17.79 0.71 3.75
N TYR D 63 17.78 -0.62 3.81
CA TYR D 63 17.17 -1.31 4.94
C TYR D 63 18.14 -1.49 6.12
N MET D 64 19.44 -1.63 5.84
CA MET D 64 20.38 -2.01 6.88
C MET D 64 21.43 -0.96 7.23
N GLY D 65 21.46 0.14 6.48
CA GLY D 65 22.53 1.10 6.67
C GLY D 65 23.76 0.77 5.85
N ILE D 66 24.88 1.43 6.15
CA ILE D 66 26.09 1.28 5.38
C ILE D 66 27.18 0.59 6.20
N PRO D 67 27.68 -0.56 5.69
CA PRO D 67 28.73 -1.31 6.40
C PRO D 67 30.13 -0.93 5.95
N GLN D 68 31.14 -1.39 6.69
CA GLN D 68 32.52 -1.20 6.25
C GLN D 68 32.88 -2.19 5.18
N LYS D 69 32.42 -3.42 5.35
CA LYS D 69 32.83 -4.52 4.50
C LYS D 69 31.68 -5.46 4.18
N ILE D 70 31.68 -6.01 2.97
CA ILE D 70 30.73 -7.07 2.60
C ILE D 70 31.48 -8.26 2.02
N LYS D 71 31.18 -9.44 2.55
CA LYS D 71 31.80 -10.68 2.06
C LYS D 71 30.86 -11.47 1.17
N THR D 72 31.38 -11.92 0.04
CA THR D 72 30.68 -12.94 -0.77
C THR D 72 31.63 -14.14 -0.82
N ASP D 73 31.09 -15.33 -1.03
CA ASP D 73 31.92 -16.52 -1.02
C ASP D 73 31.97 -17.17 -2.39
N ASN D 74 33.18 -17.25 -2.95
CA ASN D 74 33.44 -17.94 -4.20
C ASN D 74 32.65 -17.39 -5.38
N ALA D 75 32.29 -16.12 -5.34
CA ALA D 75 31.68 -15.51 -6.51
C ALA D 75 32.62 -15.66 -7.70
N PRO D 76 32.05 -15.74 -8.93
CA PRO D 76 32.88 -15.76 -10.13
C PRO D 76 33.68 -14.46 -10.26
N ALA D 77 34.82 -14.52 -10.95
CA ALA D 77 35.75 -13.40 -11.04
C ALA D 77 35.14 -12.12 -11.58
N TYR D 78 34.40 -12.22 -12.68
CA TYR D 78 33.86 -11.03 -13.33
C TYR D 78 32.67 -10.48 -12.54
N VAL D 79 31.97 -11.34 -11.82
CA VAL D 79 30.97 -10.91 -10.84
C VAL D 79 31.64 -10.16 -9.70
N SER D 80 32.71 -10.76 -9.17
CA SER D 80 33.46 -10.15 -8.08
C SER D 80 34.03 -8.80 -8.44
N ARG D 81 34.53 -8.67 -9.68
CA ARG D 81 35.03 -7.38 -10.17
C ARG D 81 33.93 -6.36 -10.19
N SER D 82 32.76 -6.79 -10.68
CA SER D 82 31.59 -5.93 -10.70
C SER D 82 31.11 -5.54 -9.29
N ILE D 83 31.12 -6.50 -8.36
CA ILE D 83 30.74 -6.20 -6.97
C ILE D 83 31.75 -5.25 -6.34
N GLN D 84 33.03 -5.50 -6.58
CA GLN D 84 34.09 -4.66 -5.98
C GLN D 84 33.93 -3.23 -6.45
N GLU D 85 33.67 -3.07 -7.74
CA GLU D 85 33.54 -1.77 -8.38
C GLU D 85 32.31 -1.03 -7.88
N PHE D 86 31.21 -1.78 -7.78
CA PHE D 86 29.99 -1.22 -7.21
C PHE D 86 30.23 -0.76 -5.78
N LEU D 87 30.84 -1.62 -4.98
CA LEU D 87 31.00 -1.33 -3.57
C LEU D 87 31.93 -0.14 -3.34
N ALA D 88 32.91 0.03 -4.24
CA ALA D 88 33.84 1.16 -4.12
C ALA D 88 33.12 2.50 -4.27
N ARG D 89 32.09 2.56 -5.13
CA ARG D 89 31.32 3.81 -5.28
C ARG D 89 30.61 4.18 -3.98
N TRP D 90 30.34 3.17 -3.17
CA TRP D 90 29.68 3.36 -1.88
C TRP D 90 30.68 3.47 -0.75
N LYS D 91 31.97 3.47 -1.09
CA LYS D 91 33.06 3.44 -0.11
C LYS D 91 32.98 2.22 0.80
N ILE D 92 32.62 1.08 0.22
CA ILE D 92 32.54 -0.17 0.97
C ILE D 92 33.59 -1.14 0.45
N SER D 93 34.23 -1.86 1.35
CA SER D 93 35.25 -2.82 0.97
C SER D 93 34.61 -4.18 0.68
N HIS D 94 35.11 -4.84 -0.37
CA HIS D 94 34.67 -6.18 -0.70
C HIS D 94 35.64 -7.23 -0.18
N VAL D 95 35.11 -8.19 0.57
CA VAL D 95 35.87 -9.30 1.13
C VAL D 95 35.47 -10.58 0.39
N THR D 96 36.44 -11.41 0.02
CA THR D 96 36.10 -12.67 -0.64
C THR D 96 36.36 -13.87 0.25
N ALA D 106 28.49 -20.36 8.84
CA ALA D 106 27.39 -20.90 9.64
C ALA D 106 26.30 -19.87 9.89
N ILE D 107 26.68 -18.60 9.97
CA ILE D 107 25.70 -17.54 10.17
C ILE D 107 24.83 -17.40 8.92
N VAL D 108 25.45 -17.47 7.75
CA VAL D 108 24.72 -17.46 6.47
C VAL D 108 23.73 -18.61 6.40
N GLU D 109 24.25 -19.82 6.63
CA GLU D 109 23.44 -21.02 6.56
C GLU D 109 22.28 -20.97 7.55
N ARG D 110 22.56 -20.52 8.77
CA ARG D 110 21.53 -20.44 9.77
C ARG D 110 20.48 -19.42 9.31
N THR D 111 20.96 -18.36 8.67
CA THR D 111 20.02 -17.31 8.24
C THR D 111 19.10 -17.81 7.14
N HIS D 112 19.67 -18.48 6.14
CA HIS D 112 18.86 -19.12 5.09
C HIS D 112 17.80 -20.02 5.74
N GLN D 113 18.24 -20.80 6.73
CA GLN D 113 17.39 -21.79 7.38
C GLN D 113 16.24 -21.10 8.10
N ASN D 114 16.58 -20.05 8.84
CA ASN D 114 15.60 -19.29 9.60
C ASN D 114 14.56 -18.66 8.65
N ILE D 115 15.05 -18.13 7.53
CA ILE D 115 14.16 -17.51 6.54
C ILE D 115 13.20 -18.57 5.98
N LYS D 116 13.76 -19.70 5.58
CA LYS D 116 12.93 -20.77 5.02
C LYS D 116 11.94 -21.33 6.03
N ALA D 117 12.33 -21.39 7.30
CA ALA D 117 11.42 -21.87 8.34
C ALA D 117 10.27 -20.90 8.55
N GLN D 118 10.56 -19.60 8.52
CA GLN D 118 9.47 -18.62 8.57
C GLN D 118 8.58 -18.77 7.34
N LEU D 119 9.18 -18.89 6.15
CA LEU D 119 8.36 -18.97 4.93
C LEU D 119 7.46 -20.19 4.95
N ASN D 120 7.91 -21.27 5.59
CA ASN D 120 7.13 -22.51 5.60
C ASN D 120 5.79 -22.33 6.29
N LYS D 121 5.70 -21.40 7.23
CA LYS D 121 4.43 -21.10 7.90
C LYS D 121 3.49 -20.27 7.02
N LEU D 122 4.02 -19.74 5.93
CA LEU D 122 3.27 -18.78 5.13
C LEU D 122 2.76 -19.33 3.82
N GLN D 123 2.72 -20.65 3.68
CA GLN D 123 2.35 -21.21 2.39
C GLN D 123 0.87 -21.00 2.09
N LYS D 124 0.01 -21.08 3.11
CA LYS D 124 -1.40 -20.74 2.91
C LYS D 124 -1.56 -19.27 2.52
N ALA D 125 -0.81 -18.38 3.15
CA ALA D 125 -0.81 -16.97 2.78
C ALA D 125 -0.36 -16.77 1.32
N GLY D 126 0.47 -17.68 0.83
CA GLY D 126 0.97 -17.60 -0.54
C GLY D 126 -0.09 -17.66 -1.61
N LYS D 127 -1.29 -18.11 -1.25
CA LYS D 127 -2.39 -18.13 -2.20
C LYS D 127 -2.89 -16.72 -2.50
N TYR D 128 -2.59 -15.79 -1.61
CA TYR D 128 -3.15 -14.45 -1.66
C TYR D 128 -2.11 -13.35 -1.78
N TYR D 129 -0.85 -13.70 -1.50
CA TYR D 129 0.23 -12.71 -1.50
C TYR D 129 1.40 -13.12 -2.38
N THR D 130 2.11 -12.13 -2.94
CA THR D 130 3.31 -12.39 -3.72
C THR D 130 4.45 -12.84 -2.81
N PRO D 131 5.50 -13.42 -3.40
CA PRO D 131 6.66 -13.77 -2.55
C PRO D 131 7.26 -12.57 -1.83
N HIS D 132 7.21 -11.39 -2.45
CA HIS D 132 7.74 -10.20 -1.83
C HIS D 132 7.05 -9.94 -0.48
N HIS D 133 5.73 -10.10 -0.44
CA HIS D 133 4.99 -9.88 0.79
C HIS D 133 5.35 -10.90 1.85
N LEU D 134 5.46 -12.16 1.42
CA LEU D 134 5.71 -13.25 2.36
C LEU D 134 7.10 -13.04 2.95
N LEU D 135 8.04 -12.68 2.09
CA LEU D 135 9.42 -12.58 2.52
C LEU D 135 9.55 -11.39 3.46
N ALA D 136 8.85 -10.30 3.17
CA ALA D 136 8.82 -9.14 4.06
C ALA D 136 8.26 -9.50 5.43
N HIS D 137 7.21 -10.31 5.47
CA HIS D 137 6.64 -10.75 6.73
C HIS D 137 7.66 -11.59 7.50
N ALA D 138 8.28 -12.53 6.79
CA ALA D 138 9.27 -13.41 7.41
C ALA D 138 10.43 -12.60 8.03
N LEU D 139 10.95 -11.63 7.28
CA LEU D 139 12.04 -10.78 7.78
C LEU D 139 11.62 -9.95 8.98
N PHE D 140 10.38 -9.47 8.97
CA PHE D 140 9.84 -8.72 10.10
C PHE D 140 9.86 -9.56 11.36
N VAL D 141 9.41 -10.81 11.27
CA VAL D 141 9.45 -11.70 12.43
C VAL D 141 10.89 -11.93 12.93
N LEU D 142 11.77 -12.32 12.03
CA LEU D 142 13.17 -12.59 12.37
C LEU D 142 13.91 -11.41 13.01
N ASN D 143 13.69 -10.21 12.47
CA ASN D 143 14.42 -9.00 12.86
C ASN D 143 13.81 -8.21 13.99
N HIS D 144 12.49 -8.27 14.09
CA HIS D 144 11.76 -7.32 14.93
C HIS D 144 10.83 -7.94 15.97
N VAL D 145 10.63 -9.24 15.90
CA VAL D 145 9.73 -9.91 16.83
C VAL D 145 10.48 -10.89 17.72
N ASN D 146 11.20 -11.83 17.11
CA ASN D 146 12.05 -12.76 17.85
C ASN D 146 13.02 -11.98 18.73
N MET D 147 13.27 -12.48 19.93
CA MET D 147 14.20 -11.82 20.85
C MET D 147 15.27 -12.80 21.34
N ASP D 148 16.44 -12.28 21.69
CA ASP D 148 17.49 -13.11 22.28
C ASP D 148 17.25 -13.26 23.78
N ASN D 149 18.16 -13.93 24.47
CA ASN D 149 17.96 -14.21 25.89
C ASN D 149 18.11 -12.95 26.76
N GLN D 150 18.46 -11.82 26.14
CA GLN D 150 18.57 -10.58 26.88
C GLN D 150 17.38 -9.70 26.60
N GLY D 151 16.43 -10.24 25.84
CA GLY D 151 15.20 -9.53 25.55
C GLY D 151 15.32 -8.58 24.36
N HIS D 152 16.34 -8.77 23.55
CA HIS D 152 16.62 -7.84 22.45
C HIS D 152 16.35 -8.46 21.09
N THR D 153 15.82 -7.66 20.18
CA THR D 153 15.66 -8.10 18.80
C THR D 153 16.91 -7.81 18.00
N ALA D 154 17.05 -8.44 16.84
CA ALA D 154 18.16 -8.15 15.93
C ALA D 154 18.17 -6.66 15.58
N ALA D 155 16.98 -6.08 15.37
CA ALA D 155 16.92 -4.66 15.05
C ALA D 155 17.51 -3.81 16.16
N GLU D 156 17.21 -4.18 17.41
CA GLU D 156 17.76 -3.46 18.53
C GLU D 156 19.28 -3.58 18.57
N ARG D 157 19.78 -4.78 18.29
CA ARG D 157 21.22 -5.01 18.29
C ARG D 157 21.87 -4.29 17.13
N HIS D 158 21.11 -4.12 16.05
CA HIS D 158 21.65 -3.53 14.83
C HIS D 158 21.72 -2.01 14.93
N TRP D 159 20.67 -1.44 15.50
CA TRP D 159 20.53 0.02 15.56
C TRP D 159 20.97 0.53 16.94
#